data_7SQV
#
_entry.id   7SQV
#
_cell.length_a   1.00
_cell.length_b   1.00
_cell.length_c   1.00
_cell.angle_alpha   90.00
_cell.angle_beta   90.00
_cell.angle_gamma   90.00
#
_symmetry.space_group_name_H-M   'P 1'
#
loop_
_entity.id
_entity.type
_entity.pdbx_description
1 polymer Chimallin
2 water water
#
_entity_poly.entity_id   1
_entity_poly.type   'polypeptide(L)'
_entity_poly.pdbx_seq_one_letter_code
;SNAMGLDVRNNGNDNVEIRAAETRTAQRADEALETAADFAGQPKVTHTMRTINRTLSRRISRNTGSEQVLNLRRLMEKYL
EDTRFKDDFIFVAVDPNQYSVPYPTLVVMSGAKVGDHNHFFGYVLPLVAGLAPLPRREEQGPHGNILVPRTWVDNLNGTF
INEVMAAMYAAIGGKSNGTARIAGLAVVTNEITAESAHLATTLLSAADNAIQTAIEIRLGDKLGLPQFNLGMMASDQPIS
SVQYNTSGMQDSDIVGNPVRSDITVTISNRIRQAMSDYDSQQRLVATTGYIDLTYSPQNPTFNQGPVLVNGYPVPPTVQY
QPRYVMTSAYPLELDAFTPNTFVLGLIGTIATLNSGMAWAQSLISNAARGIGPHNPGALAMVLDPEVTAPLDLSTQTNEQ
IYKFLQQVLYPSLLISIDVPEEGEYSWLLRMIPAAEKIYTGKVEGEVREISEGYKALYRAFDDVTLGCFSKKYQYGLPLV
YATGNRIPLGHYNHQDGHRHDIRDMDDLYMMNITNPDTVEAWEDSFDRTDMTMSQRVVARHEIIDRVLSGSWEQTGWAMR
YDFDPLALQALIEAAADAGFTIRPENIQHLAGTAVRGNMAARARGLGNISGNIYARSDRPNVGVNNMGGAFNLF
;
_entity_poly.pdbx_strand_id   A,C,B,D
#
# COMPACT_ATOMS: atom_id res chain seq x y z
N GLU A 67 -30.82 -0.88 -9.58
CA GLU A 67 -30.92 0.36 -10.35
C GLU A 67 -29.61 1.13 -10.31
N GLN A 68 -28.60 0.55 -9.66
CA GLN A 68 -27.31 1.22 -9.53
C GLN A 68 -26.55 1.23 -10.85
N VAL A 69 -26.62 0.15 -11.63
CA VAL A 69 -25.90 0.08 -12.89
C VAL A 69 -26.42 1.13 -13.87
N LEU A 70 -27.74 1.28 -13.96
CA LEU A 70 -28.33 2.21 -14.91
C LEU A 70 -27.91 3.64 -14.62
N ASN A 71 -27.95 4.05 -13.36
CA ASN A 71 -27.59 5.42 -13.01
C ASN A 71 -26.11 5.71 -13.31
N LEU A 72 -25.23 4.78 -12.95
CA LEU A 72 -23.81 4.97 -13.19
C LEU A 72 -23.51 5.03 -14.69
N ARG A 73 -24.12 4.13 -15.47
CA ARG A 73 -23.91 4.15 -16.91
C ARG A 73 -24.43 5.45 -17.52
N ARG A 74 -25.59 5.90 -17.07
CA ARG A 74 -26.15 7.15 -17.58
C ARG A 74 -25.25 8.33 -17.27
N LEU A 75 -24.72 8.39 -16.03
CA LEU A 75 -23.82 9.48 -15.67
C LEU A 75 -22.54 9.45 -16.50
N MET A 76 -21.97 8.27 -16.70
CA MET A 76 -20.75 8.16 -17.49
C MET A 76 -20.98 8.57 -18.93
N GLU A 77 -22.09 8.12 -19.53
CA GLU A 77 -22.38 8.49 -20.91
C GLU A 77 -22.68 9.98 -21.03
N LYS A 78 -23.37 10.56 -20.05
CA LYS A 78 -23.63 12.00 -20.07
C LYS A 78 -22.33 12.79 -20.00
N TYR A 79 -21.39 12.35 -19.16
CA TYR A 79 -20.11 13.03 -19.09
C TYR A 79 -19.33 12.89 -20.40
N LEU A 80 -19.37 11.70 -21.01
CA LEU A 80 -18.59 11.46 -22.21
C LEU A 80 -19.22 12.04 -23.48
N GLU A 81 -20.50 12.40 -23.44
CA GLU A 81 -21.18 12.84 -24.65
C GLU A 81 -20.65 14.15 -25.21
N ASP A 82 -19.95 14.94 -24.42
CA ASP A 82 -19.49 16.24 -24.88
C ASP A 82 -18.03 16.26 -25.30
N THR A 83 -17.23 15.29 -24.87
CA THR A 83 -15.82 15.24 -25.24
C THR A 83 -15.67 14.62 -26.62
N ARG A 84 -14.42 14.36 -27.02
CA ARG A 84 -14.12 13.76 -28.31
C ARG A 84 -13.81 12.27 -28.21
N PHE A 85 -14.08 11.66 -27.06
CA PHE A 85 -13.83 10.24 -26.84
C PHE A 85 -15.15 9.48 -26.67
N LYS A 86 -16.16 9.87 -27.45
CA LYS A 86 -17.46 9.23 -27.33
C LYS A 86 -17.42 7.77 -27.77
N ASP A 87 -16.68 7.47 -28.83
CA ASP A 87 -16.65 6.14 -29.41
C ASP A 87 -15.49 5.29 -28.91
N ASP A 88 -14.72 5.80 -27.94
CA ASP A 88 -13.55 5.08 -27.45
C ASP A 88 -13.87 4.13 -26.30
N PHE A 89 -15.09 4.15 -25.77
CA PHE A 89 -15.45 3.34 -24.63
C PHE A 89 -16.69 2.51 -24.93
N ILE A 90 -16.74 1.31 -24.35
CA ILE A 90 -17.88 0.40 -24.46
C ILE A 90 -18.28 -0.01 -23.05
N PHE A 91 -19.58 0.07 -22.76
CA PHE A 91 -20.11 -0.26 -21.45
C PHE A 91 -20.93 -1.55 -21.54
N VAL A 92 -20.60 -2.50 -20.68
CA VAL A 92 -21.27 -3.81 -20.64
C VAL A 92 -21.92 -3.98 -19.28
N ALA A 93 -23.21 -4.31 -19.28
CA ALA A 93 -23.96 -4.51 -18.04
C ALA A 93 -24.18 -6.00 -17.82
N VAL A 94 -23.78 -6.48 -16.65
CA VAL A 94 -23.94 -7.88 -16.27
C VAL A 94 -24.81 -7.93 -15.02
N ASP A 95 -25.90 -8.67 -15.10
CA ASP A 95 -26.83 -8.80 -13.99
C ASP A 95 -27.16 -10.27 -13.74
N PRO A 96 -27.49 -10.63 -12.50
CA PRO A 96 -27.72 -12.06 -12.18
C PRO A 96 -28.88 -12.69 -12.93
N ASN A 97 -29.79 -11.89 -13.51
CA ASN A 97 -30.96 -12.45 -14.16
C ASN A 97 -30.61 -13.21 -15.44
N GLN A 98 -29.41 -13.00 -16.00
CA GLN A 98 -29.00 -13.69 -17.20
C GLN A 98 -27.59 -14.28 -17.13
N TYR A 99 -26.79 -13.90 -16.14
CA TYR A 99 -25.46 -14.45 -15.96
C TYR A 99 -25.28 -14.92 -14.52
N SER A 100 -24.40 -15.90 -14.33
CA SER A 100 -24.15 -16.48 -13.02
C SER A 100 -23.15 -15.59 -12.27
N VAL A 101 -23.66 -14.48 -11.74
CA VAL A 101 -22.85 -13.54 -10.97
C VAL A 101 -23.55 -13.27 -9.65
N PRO A 102 -22.82 -12.96 -8.58
CA PRO A 102 -23.49 -12.73 -7.28
C PRO A 102 -24.01 -11.31 -7.11
N TYR A 103 -23.39 -10.35 -7.78
CA TYR A 103 -23.75 -8.95 -7.67
C TYR A 103 -23.90 -8.34 -9.06
N PRO A 104 -24.68 -7.27 -9.18
CA PRO A 104 -24.71 -6.54 -10.45
C PRO A 104 -23.40 -5.79 -10.67
N THR A 105 -22.84 -5.93 -11.86
CA THR A 105 -21.56 -5.32 -12.19
C THR A 105 -21.65 -4.57 -13.51
N LEU A 106 -20.77 -3.58 -13.66
CA LEU A 106 -20.62 -2.82 -14.89
C LEU A 106 -19.17 -2.91 -15.36
N VAL A 107 -18.98 -3.10 -16.66
CA VAL A 107 -17.66 -3.28 -17.24
C VAL A 107 -17.39 -2.15 -18.22
N VAL A 108 -16.24 -1.50 -18.08
CA VAL A 108 -15.79 -0.44 -18.97
C VAL A 108 -14.68 -1.01 -19.84
N MET A 109 -14.87 -0.97 -21.15
CA MET A 109 -13.96 -1.60 -22.09
C MET A 109 -13.35 -0.57 -23.03
N SER A 110 -12.12 -0.85 -23.46
CA SER A 110 -11.44 -0.05 -24.45
C SER A 110 -10.52 -0.97 -25.25
N GLY A 111 -10.17 -0.54 -26.46
CA GLY A 111 -9.43 -1.38 -27.38
C GLY A 111 -8.20 -0.69 -27.93
N ALA A 112 -7.34 -1.51 -28.53
CA ALA A 112 -6.13 -1.05 -29.21
C ALA A 112 -5.81 -2.04 -30.32
N LYS A 113 -5.32 -1.52 -31.44
CA LYS A 113 -5.07 -2.32 -32.63
C LYS A 113 -3.60 -2.31 -32.98
N VAL A 114 -3.02 -3.50 -33.11
CA VAL A 114 -1.65 -3.68 -33.60
C VAL A 114 -1.71 -4.61 -34.81
N GLY A 115 -1.12 -4.17 -35.92
CA GLY A 115 -1.24 -4.94 -37.15
C GLY A 115 -2.68 -5.02 -37.59
N ASP A 116 -3.15 -6.25 -37.81
CA ASP A 116 -4.54 -6.51 -38.17
C ASP A 116 -5.34 -7.12 -37.03
N HIS A 117 -4.78 -7.16 -35.82
CA HIS A 117 -5.44 -7.76 -34.67
C HIS A 117 -5.92 -6.68 -33.70
N ASN A 118 -6.99 -7.00 -32.97
CA ASN A 118 -7.57 -6.10 -31.99
C ASN A 118 -7.42 -6.70 -30.60
N HIS A 119 -7.08 -5.85 -29.63
CA HIS A 119 -6.92 -6.25 -28.23
C HIS A 119 -7.82 -5.38 -27.38
N PHE A 120 -8.59 -6.00 -26.49
CA PHE A 120 -9.55 -5.31 -25.64
C PHE A 120 -9.22 -5.55 -24.18
N PHE A 121 -9.41 -4.52 -23.35
CA PHE A 121 -9.18 -4.59 -21.92
C PHE A 121 -10.40 -4.03 -21.19
N GLY A 122 -10.73 -4.63 -20.06
CA GLY A 122 -11.92 -4.26 -19.32
C GLY A 122 -11.64 -3.99 -17.86
N TYR A 123 -12.51 -3.17 -17.27
CA TYR A 123 -12.45 -2.83 -15.85
C TYR A 123 -13.78 -3.18 -15.21
N VAL A 124 -13.75 -3.97 -14.15
CA VAL A 124 -14.94 -4.52 -13.52
C VAL A 124 -15.27 -3.72 -12.27
N LEU A 125 -16.53 -3.31 -12.13
CA LEU A 125 -17.00 -2.52 -10.99
C LEU A 125 -18.27 -3.14 -10.43
N PRO A 126 -18.15 -4.14 -9.55
CA PRO A 126 -19.34 -4.67 -8.88
C PRO A 126 -19.90 -3.67 -7.88
N LEU A 127 -21.23 -3.61 -7.82
CA LEU A 127 -21.94 -2.70 -6.92
C LEU A 127 -22.73 -3.53 -5.92
N VAL A 128 -22.45 -3.34 -4.63
CA VAL A 128 -23.02 -4.15 -3.57
C VAL A 128 -23.81 -3.33 -2.57
N ALA A 129 -24.08 -2.06 -2.87
CA ALA A 129 -24.82 -1.21 -1.95
C ALA A 129 -26.27 -1.67 -1.86
N GLY A 130 -26.76 -1.85 -0.64
CA GLY A 130 -28.13 -2.25 -0.40
C GLY A 130 -28.35 -3.74 -0.19
N LEU A 131 -27.29 -4.54 -0.20
CA LEU A 131 -27.40 -5.98 -0.04
C LEU A 131 -27.03 -6.40 1.38
N ALA A 132 -27.52 -7.57 1.77
CA ALA A 132 -27.23 -8.08 3.10
C ALA A 132 -25.78 -8.55 3.18
N PRO A 133 -25.13 -8.40 4.34
CA PRO A 133 -23.74 -8.87 4.48
C PRO A 133 -23.66 -10.39 4.43
N LEU A 134 -22.48 -10.87 4.03
CA LEU A 134 -22.26 -12.30 3.92
C LEU A 134 -22.26 -12.96 5.30
N PRO A 135 -22.74 -14.20 5.40
CA PRO A 135 -22.71 -14.92 6.67
C PRO A 135 -21.34 -15.57 6.89
N ARG A 136 -21.19 -16.18 8.06
CA ARG A 136 -19.95 -16.84 8.43
C ARG A 136 -19.92 -18.27 7.87
N ARG A 137 -18.72 -18.73 7.56
CA ARG A 137 -18.51 -20.05 6.98
C ARG A 137 -17.84 -20.97 8.01
N GLU A 138 -18.32 -22.20 8.11
CA GLU A 138 -17.77 -23.18 9.02
C GLU A 138 -16.62 -23.92 8.34
N GLU A 139 -15.48 -24.00 9.01
CA GLU A 139 -14.28 -24.63 8.49
C GLU A 139 -13.86 -25.77 9.42
N GLN A 140 -12.77 -26.44 9.04
CA GLN A 140 -12.23 -27.57 9.79
C GLN A 140 -10.92 -27.16 10.45
N GLY A 141 -10.81 -27.44 11.75
CA GLY A 141 -9.63 -27.11 12.50
C GLY A 141 -9.02 -28.32 13.17
N PRO A 142 -7.81 -28.16 13.72
CA PRO A 142 -7.17 -29.29 14.41
C PRO A 142 -7.97 -29.81 15.59
N HIS A 143 -8.68 -28.93 16.31
CA HIS A 143 -9.48 -29.35 17.45
C HIS A 143 -10.92 -29.62 17.07
N GLY A 144 -11.51 -28.82 16.19
CA GLY A 144 -12.90 -28.98 15.81
C GLY A 144 -13.31 -28.08 14.66
N ASN A 145 -14.49 -27.49 14.77
CA ASN A 145 -15.05 -26.62 13.74
C ASN A 145 -15.06 -25.17 14.23
N ILE A 146 -14.71 -24.24 13.33
CA ILE A 146 -14.70 -22.83 13.64
C ILE A 146 -15.46 -22.07 12.57
N LEU A 147 -15.95 -20.89 12.93
CA LEU A 147 -16.67 -20.01 12.03
C LEU A 147 -15.77 -18.84 11.66
N VAL A 148 -15.54 -18.65 10.37
CA VAL A 148 -14.61 -17.65 9.86
C VAL A 148 -15.41 -16.54 9.20
N PRO A 149 -15.16 -15.27 9.51
CA PRO A 149 -15.89 -14.19 8.85
C PRO A 149 -15.51 -14.07 7.38
N ARG A 150 -16.45 -13.56 6.60
CA ARG A 150 -16.27 -13.35 5.17
C ARG A 150 -16.75 -11.94 4.79
N THR A 151 -16.33 -11.50 3.61
CA THR A 151 -16.69 -10.18 3.11
C THR A 151 -17.02 -10.29 1.63
N TRP A 152 -17.15 -9.14 0.96
CA TRP A 152 -17.61 -9.11 -0.42
C TRP A 152 -16.64 -9.82 -1.36
N VAL A 153 -15.34 -9.63 -1.16
CA VAL A 153 -14.35 -10.16 -2.09
C VAL A 153 -14.30 -11.68 -2.10
N ASP A 154 -14.79 -12.33 -1.04
CA ASP A 154 -14.71 -13.78 -0.95
C ASP A 154 -15.60 -14.51 -1.96
N ASN A 155 -16.54 -13.81 -2.60
CA ASN A 155 -17.45 -14.41 -3.55
C ASN A 155 -16.98 -14.31 -5.00
N LEU A 156 -15.81 -13.73 -5.24
CA LEU A 156 -15.30 -13.53 -6.59
C LEU A 156 -14.31 -14.65 -6.92
N ASN A 157 -14.87 -15.78 -7.37
CA ASN A 157 -14.11 -16.96 -7.72
C ASN A 157 -13.94 -17.05 -9.24
N GLY A 158 -13.41 -18.18 -9.71
CA GLY A 158 -13.16 -18.35 -11.13
C GLY A 158 -14.41 -18.33 -11.97
N THR A 159 -15.54 -18.77 -11.42
CA THR A 159 -16.79 -18.75 -12.16
C THR A 159 -17.19 -17.32 -12.53
N PHE A 160 -17.01 -16.39 -11.59
CA PHE A 160 -17.31 -14.99 -11.87
C PHE A 160 -16.42 -14.46 -13.00
N ILE A 161 -15.14 -14.80 -12.98
CA ILE A 161 -14.23 -14.37 -14.04
C ILE A 161 -14.66 -14.95 -15.38
N ASN A 162 -15.04 -16.22 -15.41
CA ASN A 162 -15.49 -16.84 -16.65
C ASN A 162 -16.74 -16.17 -17.18
N GLU A 163 -17.70 -15.87 -16.31
CA GLU A 163 -18.92 -15.20 -16.75
C GLU A 163 -18.62 -13.80 -17.27
N VAL A 164 -17.75 -13.06 -16.61
CA VAL A 164 -17.39 -11.72 -17.06
C VAL A 164 -16.70 -11.79 -18.43
N MET A 165 -15.81 -12.78 -18.61
CA MET A 165 -15.14 -12.93 -19.90
C MET A 165 -16.13 -13.29 -21.00
N ALA A 166 -17.10 -14.17 -20.70
CA ALA A 166 -18.10 -14.52 -21.69
C ALA A 166 -18.94 -13.30 -22.08
N ALA A 167 -19.33 -12.49 -21.09
CA ALA A 167 -20.10 -11.29 -21.39
C ALA A 167 -19.28 -10.31 -22.23
N MET A 168 -18.00 -10.15 -21.90
CA MET A 168 -17.14 -9.26 -22.67
C MET A 168 -16.98 -9.73 -24.11
N TYR A 169 -16.80 -11.04 -24.30
CA TYR A 169 -16.68 -11.58 -25.66
C TYR A 169 -17.97 -11.40 -26.44
N ALA A 170 -19.12 -11.60 -25.79
CA ALA A 170 -20.40 -11.37 -26.46
C ALA A 170 -20.59 -9.90 -26.80
N ALA A 171 -20.00 -9.00 -26.01
CA ALA A 171 -20.17 -7.57 -26.26
C ALA A 171 -19.49 -7.13 -27.54
N ILE A 172 -18.27 -7.64 -27.80
CA ILE A 172 -17.50 -7.18 -28.96
C ILE A 172 -17.89 -7.87 -30.26
N GLY A 173 -18.60 -8.99 -30.20
CA GLY A 173 -19.04 -9.65 -31.41
C GLY A 173 -18.71 -11.13 -31.48
N GLY A 174 -17.56 -11.50 -30.95
CA GLY A 174 -17.16 -12.90 -30.95
C GLY A 174 -15.66 -13.04 -30.80
N LYS A 175 -15.23 -14.31 -30.83
CA LYS A 175 -13.81 -14.60 -30.68
C LYS A 175 -12.99 -14.11 -31.85
N SER A 176 -13.57 -14.10 -33.06
CA SER A 176 -12.85 -13.69 -34.26
C SER A 176 -12.71 -12.18 -34.37
N ASN A 177 -13.37 -11.42 -33.51
CA ASN A 177 -13.32 -9.96 -33.56
C ASN A 177 -12.20 -9.37 -32.70
N GLY A 178 -11.48 -10.18 -31.95
CA GLY A 178 -10.39 -9.69 -31.13
C GLY A 178 -10.19 -10.58 -29.92
N THR A 179 -9.48 -10.03 -28.94
CA THR A 179 -9.18 -10.72 -27.70
C THR A 179 -9.50 -9.79 -26.53
N ALA A 180 -9.91 -10.38 -25.40
CA ALA A 180 -10.33 -9.63 -24.23
C ALA A 180 -9.55 -10.09 -23.01
N ARG A 181 -9.22 -9.13 -22.15
CA ARG A 181 -8.50 -9.41 -20.91
C ARG A 181 -9.03 -8.48 -19.82
N ILE A 182 -8.90 -8.92 -18.57
CA ILE A 182 -9.34 -8.15 -17.42
C ILE A 182 -8.17 -7.31 -16.93
N ALA A 183 -8.41 -6.02 -16.71
CA ALA A 183 -7.36 -5.07 -16.33
C ALA A 183 -7.45 -4.58 -14.90
N GLY A 184 -8.54 -4.87 -14.19
CA GLY A 184 -8.65 -4.42 -12.81
C GLY A 184 -10.02 -4.76 -12.25
N LEU A 185 -10.15 -4.51 -10.94
CA LEU A 185 -11.39 -4.80 -10.23
C LEU A 185 -11.47 -3.92 -8.99
N ALA A 186 -12.65 -3.40 -8.70
CA ALA A 186 -12.85 -2.56 -7.54
C ALA A 186 -14.32 -2.64 -7.12
N VAL A 187 -14.54 -2.73 -5.81
CA VAL A 187 -15.88 -2.87 -5.25
C VAL A 187 -16.35 -1.51 -4.75
N VAL A 188 -17.58 -1.14 -5.10
CA VAL A 188 -18.18 0.13 -4.70
C VAL A 188 -19.23 -0.19 -3.63
N THR A 189 -19.00 0.27 -2.41
CA THR A 189 -19.86 -0.02 -1.27
C THR A 189 -20.82 1.11 -0.93
N ASN A 190 -20.88 2.16 -1.75
CA ASN A 190 -21.74 3.30 -1.50
C ASN A 190 -22.81 3.40 -2.57
N GLU A 191 -23.98 3.88 -2.17
CA GLU A 191 -25.11 4.01 -3.09
C GLU A 191 -24.84 5.05 -4.15
N ILE A 192 -25.32 4.79 -5.36
CA ILE A 192 -25.16 5.68 -6.50
C ILE A 192 -26.54 6.23 -6.86
N THR A 193 -26.68 7.55 -6.84
CA THR A 193 -27.93 8.23 -7.15
C THR A 193 -27.73 9.11 -8.39
N ALA A 194 -28.74 9.93 -8.68
CA ALA A 194 -28.70 10.83 -9.82
C ALA A 194 -27.86 12.08 -9.57
N GLU A 195 -27.24 12.20 -8.39
CA GLU A 195 -26.43 13.35 -8.04
C GLU A 195 -25.02 12.93 -7.63
N SER A 196 -24.43 11.99 -8.37
CA SER A 196 -23.12 11.44 -8.07
C SER A 196 -22.20 11.51 -9.28
N ALA A 197 -22.17 12.68 -9.92
CA ALA A 197 -21.35 12.84 -11.12
C ALA A 197 -19.85 12.76 -10.79
N HIS A 198 -19.45 13.32 -9.65
CA HIS A 198 -18.03 13.34 -9.30
C HIS A 198 -17.47 11.93 -9.11
N LEU A 199 -18.21 11.07 -8.42
CA LEU A 199 -17.76 9.69 -8.22
C LEU A 199 -17.65 8.95 -9.54
N ALA A 200 -18.63 9.15 -10.44
CA ALA A 200 -18.58 8.51 -11.75
C ALA A 200 -17.38 8.99 -12.54
N THR A 201 -17.09 10.29 -12.50
CA THR A 201 -15.94 10.82 -13.22
C THR A 201 -14.64 10.25 -12.67
N THR A 202 -14.52 10.16 -11.33
CA THR A 202 -13.32 9.60 -10.73
C THR A 202 -13.14 8.14 -11.12
N LEU A 203 -14.23 7.36 -11.09
CA LEU A 203 -14.14 5.95 -11.47
C LEU A 203 -13.76 5.80 -12.93
N LEU A 204 -14.32 6.64 -13.80
CA LEU A 204 -13.97 6.59 -15.22
C LEU A 204 -12.50 6.92 -15.43
N SER A 205 -11.99 7.93 -14.71
CA SER A 205 -10.58 8.27 -14.82
C SER A 205 -9.69 7.13 -14.36
N ALA A 206 -10.05 6.48 -13.24
CA ALA A 206 -9.25 5.36 -12.75
C ALA A 206 -9.26 4.21 -13.74
N ALA A 207 -10.42 3.90 -14.31
CA ALA A 207 -10.51 2.82 -15.29
C ALA A 207 -9.69 3.13 -16.53
N ASP A 208 -9.76 4.37 -17.02
CA ASP A 208 -8.97 4.76 -18.18
C ASP A 208 -7.48 4.65 -17.90
N ASN A 209 -7.05 5.10 -16.72
CA ASN A 209 -5.63 5.00 -16.37
C ASN A 209 -5.18 3.55 -16.31
N ALA A 210 -5.99 2.68 -15.70
CA ALA A 210 -5.62 1.27 -15.61
C ALA A 210 -5.53 0.64 -16.99
N ILE A 211 -6.51 0.92 -17.86
CA ILE A 211 -6.52 0.34 -19.20
C ILE A 211 -5.30 0.82 -19.99
N GLN A 212 -5.00 2.12 -19.92
CA GLN A 212 -3.87 2.65 -20.66
C GLN A 212 -2.55 2.08 -20.14
N THR A 213 -2.42 1.93 -18.82
CA THR A 213 -1.21 1.34 -18.26
C THR A 213 -1.05 -0.11 -18.70
N ALA A 214 -2.13 -0.87 -18.70
CA ALA A 214 -2.06 -2.26 -19.17
C ALA A 214 -1.65 -2.33 -20.63
N ILE A 215 -2.24 -1.47 -21.47
CA ILE A 215 -1.90 -1.45 -22.89
C ILE A 215 -0.43 -1.11 -23.08
N GLU A 216 0.05 -0.10 -22.35
CA GLU A 216 1.46 0.27 -22.44
C GLU A 216 2.36 -0.89 -22.03
N ILE A 217 2.08 -1.51 -20.89
CA ILE A 217 2.92 -2.59 -20.40
C ILE A 217 2.95 -3.74 -21.40
N ARG A 218 1.81 -4.05 -22.01
CA ARG A 218 1.76 -5.19 -22.92
C ARG A 218 2.38 -4.90 -24.27
N LEU A 219 2.27 -3.67 -24.81
CA LEU A 219 2.67 -3.45 -26.19
C LEU A 219 3.50 -2.18 -26.37
N GLY A 220 4.33 -1.81 -25.39
CA GLY A 220 5.15 -0.62 -25.55
C GLY A 220 6.19 -0.75 -26.64
N ASP A 221 6.84 -1.91 -26.74
CA ASP A 221 7.89 -2.08 -27.73
C ASP A 221 7.34 -1.96 -29.15
N LYS A 222 6.18 -2.57 -29.40
CA LYS A 222 5.59 -2.50 -30.74
C LYS A 222 4.91 -1.16 -31.01
N LEU A 223 4.33 -0.52 -29.99
CA LEU A 223 3.63 0.74 -30.18
C LEU A 223 4.51 1.95 -29.91
N GLY A 224 5.75 1.76 -29.47
CA GLY A 224 6.65 2.87 -29.23
C GLY A 224 6.21 3.78 -28.11
N LEU A 225 5.79 3.20 -26.99
CA LEU A 225 5.31 3.98 -25.84
C LEU A 225 6.38 3.97 -24.75
N PRO A 226 6.90 5.12 -24.36
CA PRO A 226 7.96 5.16 -23.34
C PRO A 226 7.38 5.03 -21.93
N GLN A 227 8.27 5.00 -20.96
CA GLN A 227 7.90 4.87 -19.55
C GLN A 227 8.82 5.74 -18.71
N PHE A 228 8.34 6.09 -17.52
CA PHE A 228 9.06 7.00 -16.64
C PHE A 228 10.37 6.39 -16.17
N ASN A 229 11.39 7.24 -16.03
CA ASN A 229 12.68 6.84 -15.50
C ASN A 229 13.36 8.06 -14.90
N LEU A 230 14.41 7.82 -14.10
CA LEU A 230 15.08 8.89 -13.37
C LEU A 230 15.83 9.86 -14.27
N GLY A 231 16.01 9.53 -15.55
CA GLY A 231 16.74 10.42 -16.44
C GLY A 231 16.00 11.70 -16.78
N MET A 232 14.69 11.72 -16.59
CA MET A 232 13.89 12.91 -16.90
C MET A 232 13.98 13.98 -15.81
N MET A 233 14.58 13.68 -14.67
CA MET A 233 14.73 14.63 -13.58
C MET A 233 16.18 15.12 -13.44
N ALA A 234 16.95 15.05 -14.53
CA ALA A 234 18.36 15.41 -14.47
C ALA A 234 18.58 16.91 -14.39
N SER A 235 17.68 17.71 -14.97
CA SER A 235 17.86 19.15 -15.07
C SER A 235 16.97 19.91 -14.09
N ASP A 236 16.66 19.31 -12.95
CA ASP A 236 15.85 19.96 -11.92
C ASP A 236 16.32 19.51 -10.55
N GLN A 237 15.72 20.07 -9.51
CA GLN A 237 16.09 19.77 -8.13
C GLN A 237 14.90 19.18 -7.38
N PRO A 238 14.85 17.87 -7.15
CA PRO A 238 13.75 17.30 -6.38
C PRO A 238 13.84 17.68 -4.91
N ILE A 239 12.67 17.77 -4.27
CA ILE A 239 12.54 18.12 -2.86
C ILE A 239 11.49 17.21 -2.23
N SER A 240 11.42 17.24 -0.90
CA SER A 240 10.48 16.41 -0.17
C SER A 240 10.05 17.12 1.10
N SER A 241 8.91 16.69 1.64
CA SER A 241 8.37 17.27 2.87
C SER A 241 7.59 16.19 3.61
N VAL A 242 7.46 16.38 4.92
CA VAL A 242 6.79 15.41 5.79
C VAL A 242 5.89 16.17 6.75
N GLN A 243 4.69 15.64 7.00
CA GLN A 243 3.73 16.23 7.91
C GLN A 243 3.26 15.18 8.90
N TYR A 244 3.28 15.52 10.19
CA TYR A 244 2.80 14.66 11.26
C TYR A 244 1.48 15.20 11.77
N ASN A 245 0.38 14.52 11.44
CA ASN A 245 -0.95 14.91 11.89
C ASN A 245 -1.69 13.69 12.40
N THR A 246 -2.29 13.80 13.57
CA THR A 246 -3.00 12.67 14.16
C THR A 246 -4.34 13.04 14.77
N SER A 247 -4.75 14.31 14.74
CA SER A 247 -6.01 14.75 15.32
C SER A 247 -6.89 15.34 14.23
N GLY A 248 -8.13 14.85 14.15
CA GLY A 248 -9.08 15.35 13.17
C GLY A 248 -9.42 14.34 12.09
N MET A 249 -9.81 14.83 10.93
CA MET A 249 -10.17 13.95 9.82
C MET A 249 -8.93 13.27 9.25
N GLN A 250 -9.16 12.11 8.63
CA GLN A 250 -8.11 11.32 8.00
C GLN A 250 -8.26 11.38 6.49
N ASP A 251 -7.30 10.75 5.81
CA ASP A 251 -7.36 10.67 4.36
C ASP A 251 -8.48 9.72 3.92
N SER A 252 -8.92 9.90 2.68
CA SER A 252 -10.01 9.11 2.13
C SER A 252 -9.60 8.49 0.81
N ASP A 253 -10.27 7.39 0.46
CA ASP A 253 -10.01 6.66 -0.77
C ASP A 253 -10.97 7.14 -1.86
N ILE A 254 -10.98 6.43 -2.99
CA ILE A 254 -11.85 6.81 -4.09
C ILE A 254 -13.32 6.62 -3.72
N VAL A 255 -13.64 5.59 -2.94
CA VAL A 255 -15.02 5.37 -2.52
C VAL A 255 -15.44 6.44 -1.51
N GLY A 256 -14.57 6.76 -0.56
CA GLY A 256 -14.89 7.74 0.45
C GLY A 256 -14.70 7.23 1.87
N ASN A 257 -13.94 6.14 2.02
CA ASN A 257 -13.71 5.56 3.33
C ASN A 257 -12.40 6.07 3.93
N PRO A 258 -12.34 6.24 5.24
CA PRO A 258 -11.13 6.79 5.86
C PRO A 258 -9.94 5.86 5.75
N VAL A 259 -8.76 6.46 5.67
CA VAL A 259 -7.49 5.75 5.63
C VAL A 259 -6.55 6.39 6.65
N ARG A 260 -5.86 5.55 7.44
CA ARG A 260 -4.96 6.07 8.45
C ARG A 260 -3.78 6.77 7.80
N SER A 261 -3.55 8.03 8.19
CA SER A 261 -2.58 8.89 7.54
C SER A 261 -1.72 9.61 8.58
N ASP A 262 -1.19 8.83 9.54
CA ASP A 262 -0.38 9.43 10.61
C ASP A 262 0.83 10.16 10.06
N ILE A 263 1.49 9.59 9.05
CA ILE A 263 2.65 10.20 8.42
C ILE A 263 2.36 10.38 6.94
N THR A 264 2.61 11.57 6.42
CA THR A 264 2.40 11.88 5.01
C THR A 264 3.68 12.49 4.44
N VAL A 265 4.13 11.95 3.32
CA VAL A 265 5.35 12.39 2.64
C VAL A 265 4.98 12.84 1.24
N THR A 266 5.46 14.02 0.85
CA THR A 266 5.19 14.59 -0.47
C THR A 266 6.50 14.82 -1.19
N ILE A 267 6.56 14.39 -2.46
CA ILE A 267 7.74 14.57 -3.30
C ILE A 267 7.36 15.56 -4.41
N SER A 268 8.18 16.60 -4.56
CA SER A 268 7.90 17.66 -5.52
C SER A 268 9.15 17.97 -6.33
N ASN A 269 9.03 18.97 -7.20
CA ASN A 269 10.12 19.42 -8.06
C ASN A 269 10.20 20.93 -7.99
N ARG A 270 11.43 21.45 -7.91
CA ARG A 270 11.66 22.87 -7.75
C ARG A 270 12.09 23.49 -9.07
N ILE A 271 11.45 24.60 -9.43
CA ILE A 271 11.69 25.29 -10.70
C ILE A 271 11.96 26.77 -10.42
N ARG A 272 12.93 27.34 -11.13
CA ARG A 272 13.22 28.76 -11.07
C ARG A 272 13.32 29.31 -12.48
N GLN A 273 12.67 30.45 -12.71
CA GLN A 273 12.77 31.11 -14.01
C GLN A 273 14.17 31.69 -14.22
N ALA A 274 14.66 31.58 -15.45
CA ALA A 274 16.03 32.01 -15.75
C ALA A 274 16.18 33.52 -15.61
N MET A 275 15.29 34.28 -16.24
CA MET A 275 15.42 35.73 -16.30
C MET A 275 14.50 36.47 -15.34
N SER A 276 13.26 36.00 -15.17
CA SER A 276 12.30 36.70 -14.31
C SER A 276 12.46 36.35 -12.84
N ASP A 277 13.26 35.33 -12.51
CA ASP A 277 13.60 34.95 -11.14
C ASP A 277 12.37 34.52 -10.33
N TYR A 278 11.31 34.06 -10.99
CA TYR A 278 10.14 33.57 -10.28
C TYR A 278 10.41 32.17 -9.72
N ASP A 279 9.73 31.84 -8.63
CA ASP A 279 9.88 30.57 -7.95
C ASP A 279 8.56 29.82 -7.92
N SER A 280 8.62 28.52 -8.16
CA SER A 280 7.42 27.68 -8.16
C SER A 280 7.85 26.23 -7.90
N GLN A 281 6.86 25.39 -7.62
CA GLN A 281 7.10 23.98 -7.39
C GLN A 281 6.00 23.15 -8.03
N GLN A 282 6.33 21.89 -8.33
CA GLN A 282 5.39 20.97 -8.96
C GLN A 282 5.36 19.68 -8.14
N ARG A 283 4.17 19.34 -7.65
CA ARG A 283 4.01 18.18 -6.76
C ARG A 283 3.68 16.94 -7.57
N LEU A 284 4.41 15.86 -7.32
CA LEU A 284 4.31 14.64 -8.13
C LEU A 284 3.49 13.54 -7.45
N VAL A 285 3.89 13.12 -6.25
CA VAL A 285 3.32 11.93 -5.63
C VAL A 285 3.30 12.12 -4.12
N ALA A 286 2.40 11.39 -3.46
CA ALA A 286 2.27 11.44 -2.01
C ALA A 286 2.15 10.02 -1.46
N THR A 287 2.50 9.87 -0.19
CA THR A 287 2.52 8.56 0.47
C THR A 287 2.08 8.72 1.90
N THR A 288 1.27 7.77 2.39
CA THR A 288 0.74 7.80 3.75
C THR A 288 1.08 6.50 4.47
N GLY A 289 1.13 6.58 5.79
CA GLY A 289 1.45 5.41 6.59
C GLY A 289 1.47 5.76 8.07
N TYR A 290 1.87 4.78 8.87
CA TYR A 290 1.95 4.94 10.32
C TYR A 290 3.03 4.01 10.87
N ILE A 291 3.22 4.06 12.18
CA ILE A 291 4.28 3.33 12.87
C ILE A 291 3.65 2.34 13.85
N ASP A 292 4.11 1.10 13.81
CA ASP A 292 3.65 0.04 14.69
C ASP A 292 4.84 -0.53 15.47
N LEU A 293 4.55 -1.46 16.37
CA LEU A 293 5.56 -2.08 17.22
C LEU A 293 5.41 -3.60 17.17
N THR A 294 6.56 -4.28 17.24
CA THR A 294 6.60 -5.74 17.20
C THR A 294 7.43 -6.25 18.37
N TYR A 295 6.88 -7.19 19.12
CA TYR A 295 7.59 -7.78 20.24
C TYR A 295 8.71 -8.68 19.74
N SER A 296 9.92 -8.49 20.27
CA SER A 296 11.08 -9.25 19.83
C SER A 296 12.16 -9.25 20.92
N PRO A 297 12.00 -10.05 21.97
CA PRO A 297 12.99 -10.06 23.04
C PRO A 297 14.31 -10.67 22.59
N GLN A 298 15.39 -10.21 23.23
CA GLN A 298 16.73 -10.74 22.99
C GLN A 298 17.06 -11.78 24.05
N ASN A 299 17.65 -12.89 23.62
CA ASN A 299 17.97 -13.99 24.53
C ASN A 299 19.47 -13.98 24.75
N PRO A 300 19.95 -13.55 25.91
CA PRO A 300 21.39 -13.62 26.19
C PRO A 300 21.80 -14.95 26.81
N THR A 301 20.84 -15.66 27.39
CA THR A 301 21.14 -16.88 28.14
C THR A 301 21.50 -18.06 27.25
N PHE A 302 21.33 -17.95 25.94
CA PHE A 302 21.65 -19.03 25.01
C PHE A 302 23.13 -19.06 24.63
N ASN A 303 23.99 -18.40 25.41
CA ASN A 303 25.43 -18.37 25.16
C ASN A 303 25.78 -17.82 23.79
N GLN A 304 25.00 -16.84 23.31
CA GLN A 304 25.26 -16.18 22.05
C GLN A 304 25.87 -14.79 22.29
N GLY A 305 26.36 -14.19 21.21
CA GLY A 305 26.92 -12.87 21.28
C GLY A 305 25.85 -11.81 21.48
N PRO A 306 26.26 -10.62 21.92
CA PRO A 306 25.29 -9.53 22.10
C PRO A 306 24.69 -9.09 20.78
N VAL A 307 23.49 -8.53 20.85
CA VAL A 307 22.82 -8.04 19.66
C VAL A 307 23.47 -6.72 19.23
N LEU A 308 23.87 -6.64 17.96
CA LEU A 308 24.53 -5.46 17.42
C LEU A 308 23.64 -4.83 16.34
N VAL A 309 23.37 -3.55 16.49
CA VAL A 309 22.63 -2.77 15.50
C VAL A 309 23.55 -1.69 14.97
N ASN A 310 23.80 -1.72 13.65
CA ASN A 310 24.78 -0.83 13.02
C ASN A 310 26.16 -0.99 13.67
N GLY A 311 26.48 -2.20 14.09
CA GLY A 311 27.75 -2.46 14.75
C GLY A 311 27.85 -1.97 16.18
N TYR A 312 26.73 -1.53 16.78
CA TYR A 312 26.73 -1.01 18.13
C TYR A 312 25.85 -1.88 19.04
N PRO A 313 26.27 -2.11 20.27
CA PRO A 313 25.43 -2.86 21.21
C PRO A 313 24.26 -2.03 21.69
N VAL A 314 23.28 -2.73 22.26
CA VAL A 314 22.05 -2.10 22.73
C VAL A 314 21.89 -2.42 24.21
N PRO A 315 21.17 -1.58 24.95
CA PRO A 315 20.93 -1.88 26.35
C PRO A 315 20.12 -3.16 26.50
N PRO A 316 20.32 -3.89 27.60
CA PRO A 316 19.62 -5.17 27.77
C PRO A 316 18.11 -5.05 27.89
N THR A 317 17.58 -3.85 28.15
CA THR A 317 16.15 -3.68 28.37
C THR A 317 15.37 -3.44 27.08
N VAL A 318 16.04 -3.36 25.93
CA VAL A 318 15.37 -3.13 24.66
C VAL A 318 14.74 -4.44 24.19
N GLN A 319 13.42 -4.41 23.95
CA GLN A 319 12.72 -5.62 23.54
C GLN A 319 11.66 -5.38 22.47
N TYR A 320 11.59 -4.20 21.86
CA TYR A 320 10.57 -3.90 20.87
C TYR A 320 11.21 -3.34 19.60
N GLN A 321 10.69 -3.76 18.45
CA GLN A 321 11.23 -3.36 17.15
C GLN A 321 10.24 -2.45 16.44
N PRO A 322 10.59 -1.20 16.16
CA PRO A 322 9.68 -0.32 15.41
C PRO A 322 9.45 -0.83 14.00
N ARG A 323 8.25 -0.58 13.48
CA ARG A 323 7.86 -1.02 12.15
C ARG A 323 7.04 0.07 11.47
N TYR A 324 7.33 0.32 10.20
CA TYR A 324 6.59 1.29 9.40
C TYR A 324 5.72 0.55 8.39
N VAL A 325 4.44 0.92 8.34
CA VAL A 325 3.47 0.28 7.47
C VAL A 325 2.95 1.32 6.49
N MET A 326 3.07 1.02 5.19
CA MET A 326 2.56 1.91 4.15
C MET A 326 1.11 1.56 3.84
N THR A 327 0.26 2.58 3.77
CA THR A 327 -1.17 2.37 3.57
C THR A 327 -1.69 2.77 2.20
N SER A 328 -1.10 3.79 1.56
CA SER A 328 -1.59 4.23 0.27
C SER A 328 -0.52 5.03 -0.45
N ALA A 329 -0.68 5.16 -1.75
CA ALA A 329 0.18 5.98 -2.59
C ALA A 329 -0.61 6.39 -3.82
N TYR A 330 -0.54 7.67 -4.17
CA TYR A 330 -1.34 8.21 -5.27
C TYR A 330 -0.62 9.41 -5.86
N PRO A 331 -0.85 9.70 -7.13
CA PRO A 331 -0.25 10.90 -7.74
C PRO A 331 -0.99 12.16 -7.33
N LEU A 332 -0.32 13.30 -7.53
CA LEU A 332 -0.87 14.60 -7.18
C LEU A 332 -1.16 15.44 -8.43
N GLU A 333 -0.16 15.63 -9.29
CA GLU A 333 -0.36 16.35 -10.54
C GLU A 333 -0.02 15.51 -11.77
N LEU A 334 0.49 14.29 -11.58
CA LEU A 334 0.79 13.43 -12.70
C LEU A 334 -0.48 12.76 -13.21
N ASP A 335 -0.63 12.73 -14.54
CA ASP A 335 -1.81 12.11 -15.14
C ASP A 335 -1.73 10.59 -15.12
N ALA A 336 -0.53 10.03 -15.22
CA ALA A 336 -0.33 8.59 -15.29
C ALA A 336 0.36 8.10 -14.02
N PHE A 337 -0.05 6.93 -13.56
CA PHE A 337 0.54 6.28 -12.39
C PHE A 337 0.95 4.87 -12.80
N THR A 338 2.26 4.62 -12.85
CA THR A 338 2.81 3.34 -13.29
C THR A 338 3.68 2.75 -12.18
N PRO A 339 4.11 1.49 -12.29
CA PRO A 339 5.03 0.94 -11.29
C PRO A 339 6.31 1.75 -11.11
N ASN A 340 6.80 2.40 -12.17
CA ASN A 340 7.98 3.24 -12.04
C ASN A 340 7.71 4.43 -11.11
N THR A 341 6.53 5.02 -11.23
CA THR A 341 6.16 6.10 -10.32
C THR A 341 6.08 5.60 -8.87
N PHE A 342 5.57 4.37 -8.69
CA PHE A 342 5.54 3.78 -7.34
C PHE A 342 6.95 3.59 -6.81
N VAL A 343 7.88 3.15 -7.66
CA VAL A 343 9.27 2.98 -7.24
C VAL A 343 9.87 4.33 -6.85
N LEU A 344 9.58 5.38 -7.63
CA LEU A 344 10.07 6.71 -7.29
C LEU A 344 9.52 7.18 -5.95
N GLY A 345 8.22 6.95 -5.71
CA GLY A 345 7.64 7.32 -4.43
C GLY A 345 8.23 6.54 -3.27
N LEU A 346 8.49 5.25 -3.46
CA LEU A 346 9.13 4.46 -2.43
C LEU A 346 10.53 4.97 -2.12
N ILE A 347 11.30 5.30 -3.16
CA ILE A 347 12.64 5.84 -2.96
C ILE A 347 12.58 7.15 -2.18
N GLY A 348 11.65 8.03 -2.56
CA GLY A 348 11.52 9.30 -1.85
C GLY A 348 11.13 9.11 -0.40
N THR A 349 10.19 8.21 -0.13
CA THR A 349 9.77 7.96 1.25
C THR A 349 10.91 7.38 2.08
N ILE A 350 11.67 6.44 1.50
CA ILE A 350 12.78 5.84 2.22
C ILE A 350 13.84 6.89 2.53
N ALA A 351 14.15 7.75 1.56
CA ALA A 351 15.13 8.81 1.79
C ALA A 351 14.67 9.78 2.86
N THR A 352 13.38 10.15 2.83
CA THR A 352 12.87 11.15 3.76
C THR A 352 12.80 10.59 5.18
N LEU A 353 12.34 9.34 5.34
CA LEU A 353 12.11 8.80 6.67
C LEU A 353 13.38 8.55 7.46
N ASN A 354 14.52 8.41 6.78
CA ASN A 354 15.79 8.14 7.45
C ASN A 354 16.64 9.39 7.64
N SER A 355 16.08 10.57 7.37
CA SER A 355 16.82 11.82 7.50
C SER A 355 16.84 12.24 8.96
N GLY A 356 17.89 11.85 9.67
CA GLY A 356 18.08 12.23 11.05
C GLY A 356 17.04 11.69 12.01
N MET A 357 16.71 10.40 11.87
CA MET A 357 15.77 9.72 12.77
C MET A 357 14.42 10.43 12.80
N ALA A 358 13.94 10.87 11.63
CA ALA A 358 12.71 11.62 11.55
C ALA A 358 11.47 10.79 11.88
N TRP A 359 11.58 9.46 11.91
CA TRP A 359 10.41 8.65 12.19
C TRP A 359 10.01 8.68 13.66
N ALA A 360 10.97 8.87 14.57
CA ALA A 360 10.66 8.98 15.98
C ALA A 360 9.90 10.26 16.32
N GLN A 361 9.92 11.24 15.40
CA GLN A 361 9.17 12.47 15.62
C GLN A 361 7.67 12.20 15.72
N SER A 362 7.19 11.16 15.04
CA SER A 362 5.77 10.80 15.16
C SER A 362 5.43 10.41 16.59
N LEU A 363 6.23 9.53 17.19
CA LEU A 363 5.99 9.14 18.58
C LEU A 363 6.18 10.32 19.53
N ILE A 364 7.18 11.17 19.27
CA ILE A 364 7.40 12.34 20.13
C ILE A 364 6.19 13.27 20.10
N SER A 365 5.65 13.52 18.90
CA SER A 365 4.47 14.36 18.78
C SER A 365 3.25 13.71 19.44
N ASN A 366 3.10 12.39 19.26
CA ASN A 366 1.97 11.70 19.88
C ASN A 366 2.04 11.76 21.40
N ALA A 367 3.25 11.76 21.96
CA ALA A 367 3.41 11.84 23.41
C ALA A 367 2.96 13.18 23.99
N ALA A 368 2.79 14.20 23.15
CA ALA A 368 2.41 15.52 23.66
C ALA A 368 0.93 15.63 23.99
N ARG A 369 0.10 14.69 23.55
CA ARG A 369 -1.33 14.75 23.84
C ARG A 369 -1.64 14.37 25.28
N GLY A 370 -0.81 13.54 25.89
CA GLY A 370 -1.07 13.06 27.24
C GLY A 370 -1.68 11.68 27.25
N ILE A 371 -2.56 11.42 28.21
CA ILE A 371 -3.20 10.11 28.30
C ILE A 371 -4.14 9.92 27.12
N GLY A 372 -4.02 8.79 26.44
CA GLY A 372 -4.84 8.49 25.29
C GLY A 372 -4.50 7.15 24.66
N PRO A 373 -5.24 6.77 23.62
CA PRO A 373 -5.00 5.48 22.97
C PRO A 373 -3.66 5.39 22.25
N HIS A 374 -3.00 6.51 21.98
CA HIS A 374 -1.73 6.52 21.27
C HIS A 374 -0.59 7.03 22.15
N ASN A 375 -0.74 6.89 23.45
CA ASN A 375 0.29 7.38 24.38
C ASN A 375 1.49 6.43 24.38
N PRO A 376 2.69 6.92 24.06
CA PRO A 376 3.87 6.05 24.14
C PRO A 376 4.32 5.77 25.56
N GLY A 377 3.75 6.43 26.56
CA GLY A 377 4.12 6.22 27.95
C GLY A 377 3.69 4.87 28.51
N ALA A 378 2.90 4.10 27.76
CA ALA A 378 2.50 2.77 28.22
C ALA A 378 3.68 1.82 28.33
N LEU A 379 4.80 2.13 27.67
CA LEU A 379 5.99 1.29 27.74
C LEU A 379 6.67 1.35 29.10
N ALA A 380 6.28 2.29 29.96
CA ALA A 380 6.83 2.33 31.31
C ALA A 380 6.45 1.08 32.10
N MET A 381 5.28 0.52 31.83
CA MET A 381 4.90 -0.74 32.46
C MET A 381 5.77 -1.88 32.00
N VAL A 382 6.15 -1.90 30.71
CA VAL A 382 7.08 -2.90 30.21
C VAL A 382 8.44 -2.74 30.86
N LEU A 383 8.91 -1.49 30.98
CA LEU A 383 10.23 -1.24 31.54
C LEU A 383 10.31 -1.69 32.99
N ASP A 384 9.30 -1.35 33.79
CA ASP A 384 9.28 -1.71 35.20
C ASP A 384 8.01 -2.48 35.52
N PRO A 385 8.12 -3.73 35.97
CA PRO A 385 6.90 -4.50 36.29
C PRO A 385 6.07 -3.89 37.41
N GLU A 386 6.71 -3.15 38.32
CA GLU A 386 5.98 -2.56 39.44
C GLU A 386 5.00 -1.50 38.96
N VAL A 387 5.37 -0.77 37.91
CA VAL A 387 4.47 0.25 37.37
C VAL A 387 3.24 -0.42 36.78
N THR A 388 2.06 0.08 37.15
CA THR A 388 0.80 -0.50 36.72
C THR A 388 -0.07 0.45 35.91
N ALA A 389 0.36 1.69 35.70
CA ALA A 389 -0.42 2.64 34.94
C ALA A 389 0.46 3.35 33.92
N PRO A 390 -0.09 3.73 32.77
CA PRO A 390 0.71 4.47 31.77
C PRO A 390 1.20 5.79 32.32
N LEU A 391 2.41 6.17 31.91
CA LEU A 391 3.04 7.40 32.36
C LEU A 391 2.63 8.56 31.46
N ASP A 392 2.57 9.75 32.07
CA ASP A 392 2.25 10.99 31.36
C ASP A 392 3.54 11.73 31.05
N LEU A 393 3.78 11.99 29.77
CA LEU A 393 5.01 12.63 29.32
C LEU A 393 4.76 13.98 28.66
N SER A 394 3.63 14.62 28.96
CA SER A 394 3.28 15.89 28.34
C SER A 394 4.06 17.06 28.91
N THR A 395 4.80 16.87 30.01
CA THR A 395 5.57 17.93 30.64
C THR A 395 7.08 17.72 30.50
N GLN A 396 7.50 16.84 29.59
CA GLN A 396 8.90 16.54 29.37
C GLN A 396 9.39 17.16 28.07
N THR A 397 10.69 17.45 28.02
CA THR A 397 11.30 18.00 26.83
C THR A 397 11.53 16.89 25.79
N ASN A 398 11.84 17.31 24.56
CA ASN A 398 12.03 16.35 23.47
C ASN A 398 13.20 15.41 23.75
N GLU A 399 14.31 15.95 24.27
CA GLU A 399 15.47 15.11 24.52
C GLU A 399 15.20 14.10 25.63
N GLN A 400 14.42 14.48 26.65
CA GLN A 400 14.06 13.53 27.70
C GLN A 400 13.22 12.39 27.14
N ILE A 401 12.27 12.70 26.26
CA ILE A 401 11.44 11.67 25.65
C ILE A 401 12.30 10.77 24.76
N TYR A 402 13.25 11.35 24.02
CA TYR A 402 14.13 10.55 23.19
C TYR A 402 14.99 9.61 24.04
N LYS A 403 15.51 10.11 25.17
CA LYS A 403 16.29 9.26 26.06
C LYS A 403 15.44 8.14 26.65
N PHE A 404 14.19 8.45 27.00
CA PHE A 404 13.29 7.41 27.51
C PHE A 404 13.02 6.35 26.44
N LEU A 405 12.81 6.78 25.20
CA LEU A 405 12.51 5.85 24.12
C LEU A 405 13.73 4.99 23.77
N GLN A 406 14.93 5.53 23.93
CA GLN A 406 16.14 4.79 23.58
C GLN A 406 16.37 3.57 24.44
N GLN A 407 15.68 3.43 25.57
CA GLN A 407 15.90 2.32 26.47
C GLN A 407 15.01 1.11 26.18
N VAL A 408 14.05 1.22 25.26
CA VAL A 408 13.09 0.15 25.07
C VAL A 408 12.93 -0.20 23.59
N LEU A 409 13.46 0.64 22.70
CA LEU A 409 13.26 0.47 21.27
C LEU A 409 14.58 0.23 20.56
N TYR A 410 14.54 -0.62 19.53
CA TYR A 410 15.71 -0.82 18.68
C TYR A 410 15.92 0.41 17.79
N PRO A 411 17.17 0.79 17.54
CA PRO A 411 17.45 1.95 16.67
C PRO A 411 17.46 1.57 15.19
N SER A 412 16.33 1.05 14.71
CA SER A 412 16.18 0.67 13.31
C SER A 412 14.70 0.69 12.96
N LEU A 413 14.43 0.63 11.66
CA LEU A 413 13.07 0.69 11.14
C LEU A 413 12.83 -0.46 10.18
N LEU A 414 11.64 -1.04 10.25
CA LEU A 414 11.22 -2.11 9.35
C LEU A 414 10.20 -1.54 8.37
N ILE A 415 10.41 -1.82 7.07
CA ILE A 415 9.56 -1.29 6.02
C ILE A 415 8.57 -2.36 5.60
N SER A 416 7.28 -2.07 5.72
CA SER A 416 6.21 -2.98 5.37
C SER A 416 5.20 -2.25 4.50
N ILE A 417 4.28 -3.02 3.91
CA ILE A 417 3.25 -2.48 3.04
C ILE A 417 2.03 -3.39 3.10
N ASP A 418 0.85 -2.77 3.02
CA ASP A 418 -0.42 -3.49 2.99
C ASP A 418 -0.92 -3.53 1.56
N VAL A 419 -1.18 -4.73 1.04
CA VAL A 419 -1.63 -4.93 -0.33
C VAL A 419 -3.11 -5.35 -0.27
N PRO A 420 -4.03 -4.50 -0.69
CA PRO A 420 -5.45 -4.89 -0.69
C PRO A 420 -5.74 -5.93 -1.76
N GLU A 421 -6.72 -6.79 -1.48
CA GLU A 421 -7.12 -7.80 -2.43
C GLU A 421 -7.92 -7.22 -3.60
N GLU A 422 -8.54 -6.06 -3.41
CA GLU A 422 -9.25 -5.38 -4.48
C GLU A 422 -9.32 -3.89 -4.14
N GLY A 423 -9.29 -3.06 -5.17
CA GLY A 423 -9.33 -1.63 -4.97
C GLY A 423 -8.90 -0.89 -6.21
N GLU A 424 -8.70 0.42 -6.05
CA GLU A 424 -8.33 1.27 -7.17
C GLU A 424 -6.96 0.89 -7.74
N TYR A 425 -5.99 0.60 -6.87
CA TYR A 425 -4.62 0.33 -7.30
C TYR A 425 -4.18 -1.08 -6.96
N SER A 426 -5.12 -2.03 -6.80
CA SER A 426 -4.75 -3.40 -6.52
C SER A 426 -4.02 -4.04 -7.71
N TRP A 427 -4.40 -3.66 -8.93
CA TRP A 427 -3.73 -4.19 -10.11
C TRP A 427 -2.26 -3.79 -10.14
N LEU A 428 -1.96 -2.55 -9.72
CA LEU A 428 -0.58 -2.11 -9.69
C LEU A 428 0.19 -2.77 -8.56
N LEU A 429 -0.43 -2.90 -7.38
CA LEU A 429 0.27 -3.40 -6.20
C LEU A 429 0.32 -4.91 -6.13
N ARG A 430 -0.35 -5.63 -7.04
CA ARG A 430 -0.30 -7.08 -7.01
C ARG A 430 1.05 -7.65 -7.44
N MET A 431 1.95 -6.82 -7.96
CA MET A 431 3.25 -7.32 -8.41
C MET A 431 4.14 -7.73 -7.23
N ILE A 432 3.96 -7.10 -6.08
CA ILE A 432 4.79 -7.38 -4.90
C ILE A 432 4.58 -8.82 -4.43
N PRO A 433 3.34 -9.30 -4.25
CA PRO A 433 3.18 -10.73 -3.90
C PRO A 433 3.71 -11.68 -4.96
N ALA A 434 3.68 -11.29 -6.23
CA ALA A 434 4.11 -12.20 -7.29
C ALA A 434 5.62 -12.45 -7.26
N ALA A 435 6.38 -11.56 -6.62
CA ALA A 435 7.83 -11.68 -6.56
C ALA A 435 8.30 -12.43 -5.32
N GLU A 436 7.39 -12.90 -4.47
CA GLU A 436 7.80 -13.59 -3.25
C GLU A 436 8.43 -14.95 -3.56
N LYS A 437 7.96 -15.63 -4.60
CA LYS A 437 8.50 -16.93 -4.99
C LYS A 437 9.56 -16.70 -6.06
N ILE A 438 10.81 -17.07 -5.75
CA ILE A 438 11.92 -16.77 -6.64
C ILE A 438 12.07 -17.85 -7.70
N TYR A 439 12.14 -19.11 -7.29
CA TYR A 439 12.48 -20.23 -8.17
C TYR A 439 11.25 -21.09 -8.43
N THR A 440 11.00 -21.38 -9.70
CA THR A 440 10.04 -22.41 -10.07
C THR A 440 10.71 -23.78 -10.03
N GLY A 441 9.97 -24.77 -9.54
CA GLY A 441 10.53 -26.10 -9.35
C GLY A 441 10.72 -26.90 -10.62
N LYS A 442 10.68 -26.25 -11.78
CA LYS A 442 10.87 -26.93 -13.04
C LYS A 442 12.28 -27.49 -13.17
N VAL A 443 12.40 -28.66 -13.78
CA VAL A 443 13.71 -29.27 -13.98
C VAL A 443 14.57 -28.38 -14.86
N GLU A 444 15.85 -28.27 -14.51
CA GLU A 444 16.77 -27.36 -15.18
C GLU A 444 17.98 -28.14 -15.67
N GLY A 445 18.59 -27.67 -16.75
CA GLY A 445 19.82 -28.27 -17.22
C GLY A 445 20.99 -27.99 -16.29
N GLU A 446 21.34 -26.72 -16.13
CA GLU A 446 22.43 -26.34 -15.24
C GLU A 446 21.95 -25.38 -14.16
N VAL A 447 21.20 -24.36 -14.55
CA VAL A 447 20.80 -23.28 -13.66
C VAL A 447 19.28 -23.29 -13.52
N ARG A 448 18.80 -23.20 -12.28
CA ARG A 448 17.37 -23.26 -12.02
C ARG A 448 16.63 -22.09 -12.66
N GLU A 449 15.41 -22.34 -13.10
CA GLU A 449 14.58 -21.31 -13.72
C GLU A 449 14.08 -20.33 -12.67
N ILE A 450 13.93 -19.07 -13.09
CA ILE A 450 13.47 -17.98 -12.23
C ILE A 450 12.06 -17.58 -12.66
N SER A 451 11.21 -17.33 -11.67
CA SER A 451 9.80 -17.02 -11.94
C SER A 451 9.65 -15.68 -12.66
N GLU A 452 8.42 -15.37 -13.02
CA GLU A 452 8.12 -14.18 -13.81
C GLU A 452 7.86 -12.93 -12.98
N GLY A 453 7.23 -13.07 -11.81
CA GLY A 453 7.01 -11.90 -10.97
C GLY A 453 8.31 -11.31 -10.45
N TYR A 454 9.23 -12.17 -10.03
CA TYR A 454 10.55 -11.71 -9.62
C TYR A 454 11.25 -11.01 -10.78
N LYS A 455 11.14 -11.57 -11.98
CA LYS A 455 11.74 -10.94 -13.16
C LYS A 455 11.14 -9.56 -13.41
N ALA A 456 9.83 -9.44 -13.28
CA ALA A 456 9.17 -8.15 -13.52
C ALA A 456 9.61 -7.11 -12.50
N LEU A 457 9.66 -7.50 -11.21
CA LEU A 457 10.08 -6.55 -10.19
C LEU A 457 11.54 -6.13 -10.38
N TYR A 458 12.42 -7.10 -10.67
CA TYR A 458 13.82 -6.79 -10.91
C TYR A 458 13.99 -5.89 -12.13
N ARG A 459 13.21 -6.14 -13.19
CA ARG A 459 13.29 -5.32 -14.38
C ARG A 459 12.83 -3.89 -14.09
N ALA A 460 11.76 -3.74 -13.31
CA ALA A 460 11.31 -2.39 -12.95
C ALA A 460 12.37 -1.66 -12.14
N PHE A 461 12.96 -2.35 -11.16
CA PHE A 461 14.00 -1.73 -10.34
C PHE A 461 15.20 -1.32 -11.19
N ASP A 462 15.60 -2.17 -12.14
CA ASP A 462 16.76 -1.86 -12.97
C ASP A 462 16.46 -0.75 -13.96
N ASP A 463 15.23 -0.70 -14.48
CA ASP A 463 14.87 0.31 -15.47
C ASP A 463 14.68 1.68 -14.83
N VAL A 464 14.21 1.75 -13.58
CA VAL A 464 14.05 3.04 -12.93
C VAL A 464 15.41 3.71 -12.73
N THR A 465 16.43 2.92 -12.40
CA THR A 465 17.75 3.45 -12.09
C THR A 465 18.72 3.38 -13.28
N LEU A 466 18.19 3.15 -14.50
CA LEU A 466 18.99 3.16 -15.72
C LEU A 466 20.08 2.09 -15.72
N GLY A 467 19.81 0.96 -15.07
CA GLY A 467 20.71 -0.18 -15.16
C GLY A 467 21.80 -0.25 -14.12
N CYS A 468 21.70 0.51 -13.03
CA CYS A 468 22.69 0.44 -11.96
C CYS A 468 22.35 -0.59 -10.90
N PHE A 469 21.06 -0.88 -10.72
CA PHE A 469 20.64 -1.88 -9.73
C PHE A 469 21.21 -3.25 -10.06
N SER A 470 21.30 -3.58 -11.35
CA SER A 470 21.87 -4.85 -11.75
C SER A 470 23.34 -4.95 -11.34
N LYS A 471 24.09 -3.86 -11.48
CA LYS A 471 25.49 -3.86 -11.06
C LYS A 471 25.66 -3.81 -9.55
N LYS A 472 24.68 -3.26 -8.83
CA LYS A 472 24.78 -3.18 -7.39
C LYS A 472 24.26 -4.41 -6.66
N TYR A 473 23.23 -5.07 -7.20
CA TYR A 473 22.59 -6.19 -6.52
C TYR A 473 22.69 -7.45 -7.37
N GLN A 474 22.96 -8.57 -6.71
CA GLN A 474 23.09 -9.84 -7.39
C GLN A 474 21.74 -10.35 -7.87
N TYR A 475 21.72 -10.92 -9.08
CA TYR A 475 20.49 -11.45 -9.66
C TYR A 475 20.14 -12.77 -9.00
N GLY A 476 18.97 -12.83 -8.37
CA GLY A 476 18.50 -14.03 -7.69
C GLY A 476 18.37 -13.91 -6.19
N LEU A 477 18.83 -12.81 -5.58
CA LEU A 477 18.69 -12.63 -4.15
C LEU A 477 17.26 -12.23 -3.80
N PRO A 478 16.82 -12.54 -2.57
CA PRO A 478 15.44 -12.23 -2.19
C PRO A 478 15.16 -10.73 -2.18
N LEU A 479 13.92 -10.38 -2.49
CA LEU A 479 13.46 -9.00 -2.49
C LEU A 479 12.29 -8.74 -1.56
N VAL A 480 11.39 -9.70 -1.38
CA VAL A 480 10.18 -9.52 -0.59
C VAL A 480 9.93 -10.78 0.23
N TYR A 481 9.55 -10.60 1.49
CA TYR A 481 9.20 -11.70 2.38
C TYR A 481 7.71 -11.61 2.73
N ALA A 482 7.10 -12.76 2.98
CA ALA A 482 5.69 -12.85 3.31
C ALA A 482 5.53 -13.13 4.79
N THR A 483 4.66 -12.35 5.45
CA THR A 483 4.40 -12.52 6.87
C THR A 483 3.28 -13.52 7.15
N GLY A 484 2.32 -13.64 6.24
CA GLY A 484 1.23 -14.58 6.42
C GLY A 484 0.06 -14.08 7.24
N ASN A 485 -0.07 -12.77 7.43
CA ASN A 485 -1.14 -12.19 8.23
C ASN A 485 -2.16 -11.52 7.32
N ARG A 486 -3.43 -11.83 7.53
CA ARG A 486 -4.52 -11.24 6.78
C ARG A 486 -5.18 -10.16 7.64
N ILE A 487 -5.20 -8.94 7.14
CA ILE A 487 -5.64 -7.77 7.89
C ILE A 487 -7.01 -7.34 7.36
N PRO A 488 -8.00 -7.11 8.22
CA PRO A 488 -9.30 -6.63 7.74
C PRO A 488 -9.31 -5.13 7.51
N LEU A 489 -10.24 -4.70 6.66
CA LEU A 489 -10.43 -3.30 6.33
C LEU A 489 -11.85 -2.88 6.66
N GLY A 490 -11.99 -1.67 7.19
CA GLY A 490 -13.30 -1.19 7.58
C GLY A 490 -13.20 0.15 8.27
N HIS A 491 -14.29 0.54 8.95
CA HIS A 491 -14.35 1.82 9.63
C HIS A 491 -15.32 1.71 10.80
N TYR A 492 -15.24 2.70 11.70
CA TYR A 492 -16.10 2.76 12.86
C TYR A 492 -16.34 4.23 13.21
N ASN A 493 -17.29 4.44 14.11
CA ASN A 493 -17.68 5.79 14.52
C ASN A 493 -16.83 6.24 15.69
N HIS A 494 -16.11 7.35 15.50
CA HIS A 494 -15.25 7.91 16.54
C HIS A 494 -16.04 8.89 17.40
N GLN A 495 -15.51 9.16 18.59
CA GLN A 495 -16.19 10.04 19.54
C GLN A 495 -16.13 11.51 19.14
N ASP A 496 -15.33 11.87 18.13
CA ASP A 496 -15.23 13.25 17.69
C ASP A 496 -16.19 13.59 16.56
N GLY A 497 -17.02 12.65 16.15
CA GLY A 497 -18.01 12.89 15.12
C GLY A 497 -17.61 12.48 13.72
N HIS A 498 -16.45 11.84 13.55
CA HIS A 498 -15.97 11.40 12.25
C HIS A 498 -15.82 9.89 12.23
N ARG A 499 -15.71 9.35 11.02
CA ARG A 499 -15.45 7.93 10.84
C ARG A 499 -13.95 7.70 10.73
N HIS A 500 -13.46 6.70 11.47
CA HIS A 500 -12.03 6.42 11.55
C HIS A 500 -11.74 5.02 11.01
N ASP A 501 -10.52 4.86 10.50
CA ASP A 501 -10.10 3.58 9.95
C ASP A 501 -10.03 2.52 11.05
N ILE A 502 -10.42 1.29 10.70
CA ILE A 502 -10.39 0.20 11.65
C ILE A 502 -8.97 -0.19 12.02
N ARG A 503 -7.98 0.24 11.25
CA ARG A 503 -6.58 -0.07 11.53
C ARG A 503 -6.02 0.74 12.69
N ASP A 504 -6.84 1.54 13.38
CA ASP A 504 -6.37 2.25 14.57
C ASP A 504 -6.10 1.31 15.73
N MET A 505 -6.61 0.09 15.69
CA MET A 505 -6.39 -0.89 16.75
C MET A 505 -5.05 -1.57 16.52
N ASP A 506 -4.08 -1.27 17.38
CA ASP A 506 -2.75 -1.84 17.26
C ASP A 506 -2.26 -2.20 18.67
N ASP A 507 -0.96 -2.50 18.78
CA ASP A 507 -0.41 -2.92 20.06
C ASP A 507 -0.52 -1.82 21.11
N LEU A 508 -0.22 -0.57 20.72
CA LEU A 508 -0.30 0.54 21.67
C LEU A 508 -1.72 0.76 22.16
N TYR A 509 -2.70 0.59 21.26
CA TYR A 509 -4.10 0.74 21.67
C TYR A 509 -4.46 -0.30 22.74
N MET A 510 -4.05 -1.56 22.53
CA MET A 510 -4.33 -2.60 23.51
C MET A 510 -3.60 -2.32 24.83
N MET A 511 -2.36 -1.84 24.76
CA MET A 511 -1.63 -1.53 25.98
C MET A 511 -2.31 -0.41 26.76
N ASN A 512 -2.81 0.61 26.06
CA ASN A 512 -3.38 1.77 26.75
C ASN A 512 -4.81 1.54 27.21
N ILE A 513 -5.57 0.69 26.52
CA ILE A 513 -7.00 0.55 26.78
C ILE A 513 -7.32 -0.74 27.52
N THR A 514 -6.71 -1.86 27.12
CA THR A 514 -7.11 -3.17 27.62
C THR A 514 -6.10 -3.70 28.64
N ASN A 515 -6.35 -4.91 29.11
CA ASN A 515 -5.55 -5.62 30.10
C ASN A 515 -4.42 -6.39 29.44
N PRO A 516 -3.38 -6.78 30.19
CA PRO A 516 -2.25 -7.48 29.56
C PRO A 516 -2.61 -8.80 28.90
N ASP A 517 -3.68 -9.46 29.33
CA ASP A 517 -4.07 -10.71 28.67
C ASP A 517 -4.46 -10.47 27.22
N THR A 518 -5.21 -9.40 26.95
CA THR A 518 -5.59 -9.07 25.58
C THR A 518 -4.36 -8.74 24.74
N VAL A 519 -3.40 -8.01 25.33
CA VAL A 519 -2.16 -7.70 24.62
C VAL A 519 -1.41 -8.97 24.27
N GLU A 520 -1.31 -9.89 25.23
CA GLU A 520 -0.64 -11.16 24.96
C GLU A 520 -1.33 -11.95 23.86
N ALA A 521 -2.66 -12.00 23.89
CA ALA A 521 -3.40 -12.71 22.84
C ALA A 521 -3.18 -12.07 21.47
N TRP A 522 -3.20 -10.73 21.42
CA TRP A 522 -2.98 -10.03 20.16
C TRP A 522 -1.59 -10.32 19.61
N GLU A 523 -0.57 -10.22 20.47
CA GLU A 523 0.80 -10.48 20.03
C GLU A 523 0.98 -11.93 19.59
N ASP A 524 0.39 -12.87 20.32
CA ASP A 524 0.49 -14.27 19.95
C ASP A 524 -0.18 -14.53 18.60
N SER A 525 -1.35 -13.94 18.37
CA SER A 525 -2.01 -14.07 17.07
C SER A 525 -1.17 -13.48 15.95
N PHE A 526 -0.47 -12.38 16.22
CA PHE A 526 0.37 -11.77 15.18
C PHE A 526 1.71 -12.48 14.99
N ASP A 527 2.16 -13.27 15.97
CA ASP A 527 3.53 -13.79 15.94
C ASP A 527 3.64 -15.30 15.89
N ARG A 528 2.70 -16.05 16.46
CA ARG A 528 2.86 -17.50 16.55
C ARG A 528 2.88 -18.14 15.17
N THR A 529 3.78 -19.10 14.99
CA THR A 529 3.96 -19.77 13.71
C THR A 529 3.18 -21.07 13.59
N ASP A 530 2.69 -21.63 14.69
CA ASP A 530 1.92 -22.86 14.67
C ASP A 530 0.42 -22.62 14.59
N MET A 531 0.01 -21.47 14.05
CA MET A 531 -1.40 -21.12 13.93
C MET A 531 -1.72 -20.90 12.46
N THR A 532 -2.85 -21.44 12.01
CA THR A 532 -3.29 -21.24 10.64
C THR A 532 -3.84 -19.83 10.46
N MET A 533 -4.04 -19.44 9.20
CA MET A 533 -4.55 -18.12 8.89
C MET A 533 -5.94 -17.90 9.47
N SER A 534 -6.80 -18.92 9.36
CA SER A 534 -8.18 -18.79 9.85
C SER A 534 -8.20 -18.59 11.36
N GLN A 535 -7.33 -19.29 12.09
CA GLN A 535 -7.30 -19.13 13.54
C GLN A 535 -6.89 -17.72 13.94
N ARG A 536 -5.88 -17.16 13.28
CA ARG A 536 -5.46 -15.79 13.56
C ARG A 536 -6.58 -14.81 13.23
N VAL A 537 -7.25 -15.02 12.08
CA VAL A 537 -8.35 -14.14 11.70
C VAL A 537 -9.46 -14.18 12.74
N VAL A 538 -9.81 -15.39 13.20
CA VAL A 538 -10.88 -15.53 14.19
C VAL A 538 -10.49 -14.86 15.50
N ALA A 539 -9.25 -15.05 15.95
CA ALA A 539 -8.81 -14.44 17.20
C ALA A 539 -8.86 -12.91 17.12
N ARG A 540 -8.34 -12.35 16.03
CA ARG A 540 -8.35 -10.90 15.87
C ARG A 540 -9.77 -10.37 15.77
N HIS A 541 -10.64 -11.06 15.04
CA HIS A 541 -12.02 -10.63 14.91
C HIS A 541 -12.72 -10.65 16.25
N GLU A 542 -12.50 -11.70 17.06
CA GLU A 542 -13.11 -11.77 18.38
C GLU A 542 -12.63 -10.64 19.27
N ILE A 543 -11.32 -10.35 19.24
CA ILE A 543 -10.78 -9.27 20.08
C ILE A 543 -11.37 -7.93 19.66
N ILE A 544 -11.43 -7.68 18.36
CA ILE A 544 -11.97 -6.41 17.86
C ILE A 544 -13.45 -6.28 18.22
N ASP A 545 -14.21 -7.35 18.06
CA ASP A 545 -15.63 -7.31 18.37
C ASP A 545 -15.87 -7.06 19.86
N ARG A 546 -15.06 -7.69 20.72
CA ARG A 546 -15.21 -7.44 22.15
C ARG A 546 -14.82 -6.02 22.50
N VAL A 547 -13.78 -5.48 21.87
CA VAL A 547 -13.32 -4.13 22.21
C VAL A 547 -14.34 -3.08 21.75
N LEU A 548 -14.87 -3.22 20.53
CA LEU A 548 -15.73 -2.21 19.94
C LEU A 548 -17.22 -2.48 20.18
N SER A 549 -17.56 -3.53 20.92
CA SER A 549 -18.94 -3.90 21.22
C SER A 549 -19.75 -4.22 19.97
N GLY A 550 -19.08 -4.57 18.86
CA GLY A 550 -19.75 -4.96 17.66
C GLY A 550 -20.26 -3.83 16.79
N SER A 551 -19.91 -2.59 17.10
CA SER A 551 -20.38 -1.43 16.33
C SER A 551 -19.28 -1.02 15.35
N TRP A 552 -19.17 -1.78 14.27
CA TRP A 552 -18.23 -1.47 13.20
C TRP A 552 -18.66 -2.22 11.94
N GLU A 553 -18.06 -1.83 10.81
CA GLU A 553 -18.38 -2.42 9.52
C GLU A 553 -17.10 -2.79 8.79
N GLN A 554 -17.08 -3.97 8.18
CA GLN A 554 -15.94 -4.47 7.45
C GLN A 554 -16.20 -4.37 5.95
N THR A 555 -15.15 -4.02 5.19
CA THR A 555 -15.28 -3.82 3.75
C THR A 555 -14.41 -4.72 2.91
N GLY A 556 -13.27 -5.18 3.41
CA GLY A 556 -12.39 -5.99 2.59
C GLY A 556 -11.27 -6.61 3.39
N TRP A 557 -10.29 -7.14 2.66
CA TRP A 557 -9.14 -7.82 3.24
C TRP A 557 -7.86 -7.20 2.69
N ALA A 558 -6.76 -7.42 3.42
CA ALA A 558 -5.45 -6.97 2.98
C ALA A 558 -4.39 -7.91 3.51
N MET A 559 -3.26 -7.97 2.81
CA MET A 559 -2.12 -8.78 3.20
C MET A 559 -0.90 -7.90 3.41
N ARG A 560 -0.04 -8.31 4.33
CA ARG A 560 1.12 -7.52 4.73
C ARG A 560 2.41 -8.17 4.25
N TYR A 561 3.26 -7.38 3.59
CA TYR A 561 4.55 -7.84 3.11
C TYR A 561 5.61 -6.83 3.56
N ASP A 562 6.86 -7.30 3.61
CA ASP A 562 7.98 -6.44 3.99
C ASP A 562 9.14 -6.64 3.04
N PHE A 563 9.98 -5.60 2.94
CA PHE A 563 11.09 -5.59 2.00
C PHE A 563 12.37 -6.07 2.66
N ASP A 564 13.35 -6.42 1.81
CA ASP A 564 14.67 -6.82 2.27
C ASP A 564 15.53 -5.57 2.45
N PRO A 565 16.12 -5.35 3.63
CA PRO A 565 16.93 -4.12 3.82
C PRO A 565 18.12 -4.03 2.87
N LEU A 566 18.77 -5.15 2.55
CA LEU A 566 19.89 -5.11 1.62
C LEU A 566 19.46 -4.65 0.24
N ALA A 567 18.29 -5.12 -0.21
CA ALA A 567 17.77 -4.69 -1.51
C ALA A 567 17.47 -3.19 -1.50
N LEU A 568 16.91 -2.69 -0.40
CA LEU A 568 16.62 -1.26 -0.31
C LEU A 568 17.90 -0.43 -0.32
N GLN A 569 18.93 -0.88 0.40
CA GLN A 569 20.21 -0.17 0.40
C GLN A 569 20.83 -0.17 -1.00
N ALA A 570 20.77 -1.31 -1.69
CA ALA A 570 21.30 -1.37 -3.05
C ALA A 570 20.52 -0.45 -3.98
N LEU A 571 19.20 -0.39 -3.83
CA LEU A 571 18.39 0.50 -4.65
C LEU A 571 18.74 1.96 -4.40
N ILE A 572 18.93 2.33 -3.13
CA ILE A 572 19.32 3.71 -2.80
C ILE A 572 20.66 4.05 -3.41
N GLU A 573 21.63 3.13 -3.30
CA GLU A 573 22.95 3.37 -3.87
C GLU A 573 22.88 3.49 -5.39
N ALA A 574 22.09 2.65 -6.04
CA ALA A 574 21.94 2.72 -7.49
C ALA A 574 21.27 4.03 -7.91
N ALA A 575 20.26 4.48 -7.17
CA ALA A 575 19.63 5.76 -7.48
C ALA A 575 20.62 6.91 -7.31
N ALA A 576 21.46 6.85 -6.27
CA ALA A 576 22.48 7.88 -6.10
C ALA A 576 23.48 7.86 -7.24
N ASP A 577 23.85 6.66 -7.72
CA ASP A 577 24.81 6.53 -8.80
C ASP A 577 24.25 6.98 -10.16
N ALA A 578 22.94 7.19 -10.26
CA ALA A 578 22.32 7.59 -11.51
C ALA A 578 22.17 9.11 -11.64
N GLY A 579 22.68 9.87 -10.69
CA GLY A 579 22.59 11.32 -10.74
C GLY A 579 21.39 11.91 -10.06
N PHE A 580 20.71 11.16 -9.21
CA PHE A 580 19.49 11.62 -8.54
C PHE A 580 19.81 12.00 -7.10
N THR A 581 19.41 13.20 -6.71
CA THR A 581 19.59 13.70 -5.35
C THR A 581 18.28 14.32 -4.88
N ILE A 582 18.08 14.32 -3.56
CA ILE A 582 16.87 14.87 -2.95
C ILE A 582 17.26 15.71 -1.75
N ARG A 583 16.53 16.81 -1.55
CA ARG A 583 16.80 17.74 -0.45
C ARG A 583 15.55 17.87 0.42
N PRO A 584 15.49 17.19 1.57
CA PRO A 584 14.37 17.40 2.49
C PRO A 584 14.31 18.83 2.99
N GLU A 585 13.10 19.34 3.15
CA GLU A 585 12.89 20.74 3.51
C GLU A 585 12.21 20.95 4.85
N ASN A 586 11.67 19.89 5.47
CA ASN A 586 10.91 20.03 6.70
C ASN A 586 11.54 19.33 7.89
N ILE A 587 12.72 18.72 7.72
CA ILE A 587 13.34 17.98 8.81
C ILE A 587 13.82 18.95 9.88
N GLN A 588 13.44 18.70 11.13
CA GLN A 588 13.85 19.51 12.27
C GLN A 588 14.85 18.74 13.11
N HIS A 589 15.95 19.39 13.49
CA HIS A 589 16.98 18.79 14.32
C HIS A 589 17.54 17.51 13.70
N ALA B 594 7.26 -22.89 25.08
CA ALA B 594 8.12 -22.27 24.08
C ALA B 594 8.52 -20.86 24.50
N VAL B 595 9.01 -20.08 23.55
CA VAL B 595 9.44 -18.70 23.81
C VAL B 595 8.62 -17.78 22.91
N ARG B 596 8.04 -16.75 23.51
CA ARG B 596 7.25 -15.78 22.78
C ARG B 596 8.15 -14.81 22.02
N GLY B 597 7.56 -14.13 21.05
CA GLY B 597 8.23 -13.11 20.28
C GLY B 597 8.52 -13.56 18.86
N ASN B 598 8.89 -12.58 18.04
CA ASN B 598 9.23 -12.79 16.63
C ASN B 598 10.72 -12.52 16.46
N MET B 599 11.48 -13.56 16.13
CA MET B 599 12.93 -13.43 16.00
C MET B 599 13.36 -12.93 14.64
N ALA B 600 12.58 -13.18 13.59
CA ALA B 600 12.96 -12.77 12.24
C ALA B 600 12.77 -11.28 12.00
N ALA B 601 11.93 -10.61 12.79
CA ALA B 601 11.68 -9.19 12.57
C ALA B 601 12.90 -8.34 12.90
N ARG B 602 13.69 -8.76 13.88
CA ARG B 602 14.86 -7.98 14.29
C ARG B 602 15.89 -7.89 13.18
N ALA B 603 16.09 -8.98 12.44
CA ALA B 603 17.12 -9.03 11.41
C ALA B 603 16.74 -8.30 10.13
N ARG B 604 15.49 -7.87 9.99
CA ARG B 604 15.02 -7.21 8.78
C ARG B 604 14.96 -5.69 8.92
N GLY B 605 15.50 -5.14 10.00
CA GLY B 605 15.48 -3.70 10.18
C GLY B 605 16.53 -3.00 9.33
N LEU B 606 16.16 -1.83 8.80
CA LEU B 606 17.05 -1.02 7.99
C LEU B 606 17.68 0.06 8.87
N GLY B 607 19.01 -0.01 9.02
CA GLY B 607 19.70 0.89 9.92
C GLY B 607 20.08 2.23 9.32
N ASN B 608 20.85 2.21 8.23
CA ASN B 608 21.35 3.45 7.65
C ASN B 608 21.45 3.29 6.14
N ILE B 609 21.48 4.43 5.45
CA ILE B 609 21.58 4.47 4.00
C ILE B 609 22.74 5.37 3.61
N SER B 610 23.14 5.26 2.34
CA SER B 610 24.27 6.04 1.85
C SER B 610 23.95 7.53 1.88
N GLY B 611 24.97 8.34 2.18
CA GLY B 611 24.82 9.78 2.25
C GLY B 611 24.92 10.52 0.95
N ASN B 612 25.18 9.82 -0.16
CA ASN B 612 25.29 10.47 -1.46
C ASN B 612 23.94 10.80 -2.07
N ILE B 613 22.84 10.30 -1.50
CA ILE B 613 21.51 10.59 -2.03
C ILE B 613 21.03 11.99 -1.67
N TYR B 614 21.69 12.67 -0.75
CA TYR B 614 21.28 13.99 -0.30
C TYR B 614 22.03 15.07 -1.07
N ALA B 615 21.34 16.18 -1.33
CA ALA B 615 21.93 17.27 -2.09
C ALA B 615 23.01 17.98 -1.28
N ARG B 616 24.17 18.19 -1.89
CA ARG B 616 25.25 18.88 -1.22
C ARG B 616 24.95 20.37 -1.09
N SER B 617 25.40 20.97 0.01
CA SER B 617 25.21 22.39 0.23
C SER B 617 26.00 23.19 -0.79
N ASP B 618 25.37 24.23 -1.34
CA ASP B 618 25.98 25.10 -2.35
C ASP B 618 26.50 24.30 -3.55
N THR C 48 12.09 19.40 -18.96
CA THR C 48 11.67 18.03 -19.23
C THR C 48 10.47 17.65 -18.37
N MET C 49 10.56 17.93 -17.07
CA MET C 49 9.47 17.63 -16.15
C MET C 49 8.27 18.53 -16.36
N ARG C 50 8.44 19.69 -17.01
CA ARG C 50 7.33 20.61 -17.20
C ARG C 50 6.25 20.04 -18.11
N THR C 51 6.65 19.35 -19.18
CA THR C 51 5.71 18.79 -20.14
C THR C 51 5.60 17.27 -20.02
N ILE C 52 5.69 16.74 -18.81
CA ILE C 52 5.59 15.30 -18.62
C ILE C 52 4.18 14.81 -18.94
N ASN C 53 3.18 15.66 -18.72
CA ASN C 53 1.80 15.27 -19.03
C ASN C 53 1.59 15.15 -20.54
N ARG C 54 2.39 15.88 -21.33
CA ARG C 54 2.32 15.73 -22.78
C ARG C 54 2.98 14.43 -23.23
N THR C 55 4.12 14.08 -22.63
CA THR C 55 4.82 12.86 -23.00
C THR C 55 4.04 11.63 -22.56
N LEU C 56 3.60 11.60 -21.30
CA LEU C 56 2.80 10.50 -20.76
C LEU C 56 1.39 11.05 -20.52
N SER C 57 0.55 10.96 -21.54
CA SER C 57 -0.78 11.56 -21.51
C SER C 57 -1.86 10.52 -21.23
N ARG C 58 -2.99 11.00 -20.75
CA ARG C 58 -4.18 10.19 -20.51
C ARG C 58 -5.39 10.92 -21.07
N ARG C 59 -6.41 10.14 -21.45
CA ARG C 59 -7.57 10.72 -22.11
C ARG C 59 -8.42 11.52 -21.15
N ILE C 60 -8.60 11.03 -19.93
CA ILE C 60 -9.43 11.68 -18.92
C ILE C 60 -8.54 12.17 -17.79
N SER C 61 -8.65 13.45 -17.45
CA SER C 61 -7.83 14.06 -16.41
C SER C 61 -8.70 14.46 -15.23
N ARG C 62 -8.16 14.28 -14.03
CA ARG C 62 -8.91 14.62 -12.82
C ARG C 62 -9.00 16.12 -12.61
N ASN C 63 -7.91 16.84 -12.88
CA ASN C 63 -7.86 18.28 -12.65
C ASN C 63 -8.08 19.03 -13.96
N THR C 64 -8.86 20.10 -13.89
CA THR C 64 -9.17 20.93 -15.06
C THR C 64 -8.76 22.38 -14.89
N GLY C 65 -8.93 22.96 -13.71
CA GLY C 65 -8.57 24.34 -13.47
C GLY C 65 -9.69 25.31 -13.85
N SER C 66 -9.46 26.58 -13.52
CA SER C 66 -10.43 27.63 -13.81
C SER C 66 -10.22 28.19 -15.20
N GLY D 629 -5.55 -15.89 -3.53
CA GLY D 629 -6.33 -16.26 -4.69
C GLY D 629 -6.73 -15.08 -5.55
N ALA D 630 -6.96 -13.93 -4.89
CA ALA D 630 -7.34 -12.73 -5.62
C ALA D 630 -6.19 -12.21 -6.47
N PHE D 631 -4.95 -12.39 -6.01
CA PHE D 631 -3.80 -11.91 -6.75
C PHE D 631 -3.63 -12.68 -8.06
N ASN D 632 -4.01 -13.95 -8.06
CA ASN D 632 -3.93 -14.79 -9.25
C ASN D 632 -5.26 -14.94 -9.97
N LEU D 633 -6.25 -14.12 -9.60
CA LEU D 633 -7.57 -14.24 -10.22
C LEU D 633 -7.52 -13.94 -11.71
N PHE D 634 -6.80 -12.90 -12.12
CA PHE D 634 -6.71 -12.54 -13.52
C PHE D 634 -5.28 -12.17 -13.91
#